data_8T81
#
_entry.id   8T81
#
_cell.length_a   75.378
_cell.length_b   75.378
_cell.length_c   121.533
_cell.angle_alpha   90.000
_cell.angle_beta   90.000
_cell.angle_gamma   120.000
#
_symmetry.space_group_name_H-M   'P 62 2 2'
#
loop_
_entity.id
_entity.type
_entity.pdbx_description
1 polymer 'Polymerase acidic protein'
2 non-polymer 'MANGANESE (II) ION'
3 non-polymer '(6M)-3-hydroxy-4-oxo-6-[(4M)-4-(1H-tetrazol-5-yl)-2-(trifluoromethyl)phenyl]-1,4-dihydropyridine-2-carboxylic acid'
4 water water
#
_entity_poly.entity_id   1
_entity_poly.type   'polypeptide(L)'
_entity_poly.pdbx_seq_one_letter_code
;MGSGSAMEDFVRQCFNPMIVELAEKAMKKYGEDPKIETNKFAAICTHLEVCFMYSDFGSGDPNALLKHRFEIIEGRDRIM
AWTVVNSICNTTGVEKPKFLPDLYDYKENRFIEIGVTRREVHIYYLEKANKIKSEKTHIHIFSFTGEEMATKADYTLDEE
SRARIKTRLFTIRQEMASRSLWDSFRQSERGE
;
_entity_poly.pdbx_strand_id   A
#
loop_
_chem_comp.id
_chem_comp.type
_chem_comp.name
_chem_comp.formula
IJM non-polymer '(6M)-3-hydroxy-4-oxo-6-[(4M)-4-(1H-tetrazol-5-yl)-2-(trifluoromethyl)phenyl]-1,4-dihydropyridine-2-carboxylic acid' 'C14 H8 F3 N5 O4'
MN non-polymer 'MANGANESE (II) ION' 'Mn 2'
#
# COMPACT_ATOMS: atom_id res chain seq x y z
N SER A 5 7.25 11.53 -20.61
CA SER A 5 7.73 10.25 -20.03
C SER A 5 6.69 9.15 -20.24
N ALA A 6 7.14 7.95 -20.58
CA ALA A 6 6.21 6.82 -20.76
C ALA A 6 5.61 6.41 -19.42
N MET A 7 6.37 6.52 -18.32
CA MET A 7 5.87 6.03 -17.01
C MET A 7 4.63 6.82 -16.63
N GLU A 8 4.69 8.15 -16.65
CA GLU A 8 3.51 8.99 -16.36
C GLU A 8 2.34 8.56 -17.24
N ASP A 9 2.60 8.30 -18.52
CA ASP A 9 1.53 7.89 -19.46
C ASP A 9 0.95 6.55 -18.99
N PHE A 10 1.79 5.61 -18.60
CA PHE A 10 1.32 4.26 -18.14
C PHE A 10 0.47 4.43 -16.88
N VAL A 11 0.89 5.30 -15.96
CA VAL A 11 0.17 5.46 -14.67
C VAL A 11 -1.24 5.92 -14.99
N ARG A 12 -1.38 6.94 -15.82
CA ARG A 12 -2.71 7.50 -16.15
C ARG A 12 -3.52 6.51 -16.98
N GLN A 13 -2.86 5.54 -17.61
CA GLN A 13 -3.56 4.59 -18.50
C GLN A 13 -3.94 3.31 -17.77
N CYS A 14 -3.27 2.95 -16.68
CA CYS A 14 -3.56 1.64 -16.03
C CYS A 14 -4.13 1.83 -14.62
N PHE A 15 -4.12 3.05 -14.09
CA PHE A 15 -4.74 3.31 -12.76
C PHE A 15 -5.96 4.22 -12.92
N ASN A 16 -6.96 4.03 -12.05
CA ASN A 16 -8.23 4.81 -12.15
C ASN A 16 -7.93 6.27 -11.76
N PRO A 17 -8.66 7.30 -12.30
CA PRO A 17 -8.32 8.69 -12.01
C PRO A 17 -8.29 9.00 -10.51
N MET A 18 -9.13 8.36 -9.71
CA MET A 18 -9.17 8.71 -8.27
C MET A 18 -7.81 8.39 -7.65
N ILE A 19 -7.27 7.20 -7.96
CA ILE A 19 -5.94 6.80 -7.42
C ILE A 19 -4.89 7.77 -7.96
N VAL A 20 -4.93 8.07 -9.26
CA VAL A 20 -3.93 8.97 -9.89
C VAL A 20 -3.98 10.34 -9.20
N GLU A 21 -5.19 10.88 -8.99
CA GLU A 21 -5.36 12.21 -8.37
C GLU A 21 -4.83 12.21 -6.94
N LEU A 22 -5.19 11.20 -6.16
CA LEU A 22 -4.73 11.13 -4.76
C LEU A 22 -3.21 11.03 -4.74
N ALA A 23 -2.64 10.23 -5.64
CA ALA A 23 -1.18 10.06 -5.69
C ALA A 23 -0.52 11.39 -6.05
N GLU A 24 -1.06 12.06 -7.06
CA GLU A 24 -0.52 13.39 -7.43
C GLU A 24 -0.60 14.29 -6.20
N LYS A 25 -1.77 14.36 -5.58
CA LYS A 25 -1.97 15.25 -4.41
C LYS A 25 -0.91 14.97 -3.35
N ALA A 26 -0.65 13.70 -3.05
CA ALA A 26 0.34 13.36 -2.01
C ALA A 26 1.69 13.96 -2.40
N MET A 27 2.15 13.67 -3.62
CA MET A 27 3.48 14.16 -4.07
C MET A 27 3.49 15.67 -4.19
N LYS A 28 2.47 16.27 -4.80
CA LYS A 28 2.44 17.73 -5.05
C LYS A 28 2.46 18.51 -3.72
N LYS A 29 1.90 17.93 -2.67
CA LYS A 29 1.85 18.60 -1.34
C LYS A 29 3.26 18.80 -0.81
N TYR A 30 4.17 17.86 -1.12
CA TYR A 30 5.53 17.95 -0.55
C TYR A 30 6.49 18.55 -1.59
N GLY A 31 5.96 19.12 -2.67
CA GLY A 31 6.81 19.79 -3.68
C GLY A 31 7.46 18.85 -4.66
N GLU A 32 6.82 17.71 -4.93
CA GLU A 32 7.40 16.71 -5.87
C GLU A 32 6.53 16.66 -7.13
N ASP A 33 7.18 16.69 -8.28
CA ASP A 33 6.44 16.63 -9.57
C ASP A 33 6.29 15.17 -9.96
N PRO A 34 5.05 14.64 -10.17
CA PRO A 34 4.89 13.28 -10.66
C PRO A 34 5.59 13.12 -12.02
N LYS A 35 5.91 14.22 -12.68
CA LYS A 35 6.64 14.13 -13.97
C LYS A 35 8.14 13.96 -13.71
N ILE A 36 8.69 14.56 -12.66
CA ILE A 36 10.16 14.42 -12.47
C ILE A 36 10.37 13.07 -11.77
N GLU A 37 9.63 12.79 -10.70
CA GLU A 37 9.76 11.52 -9.95
C GLU A 37 8.69 10.53 -10.43
N THR A 38 8.79 10.08 -11.67
CA THR A 38 7.76 9.20 -12.28
C THR A 38 7.66 7.85 -11.57
N ASN A 39 8.79 7.24 -11.24
CA ASN A 39 8.76 5.88 -10.65
C ASN A 39 8.10 5.94 -9.27
N LYS A 40 8.30 7.02 -8.52
CA LYS A 40 7.63 7.18 -7.21
C LYS A 40 6.13 7.35 -7.42
N PHE A 41 5.73 8.04 -8.49
CA PHE A 41 4.30 8.24 -8.81
C PHE A 41 3.66 6.87 -9.00
N ALA A 42 4.30 6.00 -9.77
CA ALA A 42 3.75 4.66 -10.04
C ALA A 42 3.63 3.88 -8.74
N ALA A 43 4.65 3.92 -7.89
CA ALA A 43 4.65 3.12 -6.65
C ALA A 43 3.53 3.57 -5.71
N ILE A 44 3.31 4.87 -5.59
CA ILE A 44 2.22 5.40 -4.72
C ILE A 44 0.88 4.93 -5.28
N CYS A 45 0.71 4.98 -6.60
CA CYS A 45 -0.54 4.52 -7.24
C CYS A 45 -0.70 3.02 -6.98
N THR A 46 0.36 2.25 -7.20
CA THR A 46 0.29 0.77 -7.04
C THR A 46 -0.08 0.45 -5.60
N HIS A 47 0.62 1.07 -4.65
CA HIS A 47 0.40 0.79 -3.21
C HIS A 47 -1.02 1.17 -2.78
N LEU A 48 -1.50 2.35 -3.21
CA LEU A 48 -2.87 2.80 -2.87
C LEU A 48 -3.87 1.81 -3.42
N GLU A 49 -3.67 1.37 -4.66
CA GLU A 49 -4.59 0.39 -5.28
C GLU A 49 -4.65 -0.83 -4.37
N VAL A 50 -3.50 -1.34 -3.93
CA VAL A 50 -3.48 -2.57 -3.07
C VAL A 50 -4.31 -2.32 -1.82
N CYS A 51 -4.13 -1.16 -1.19
CA CYS A 51 -4.85 -0.84 0.07
C CYS A 51 -6.36 -0.81 -0.18
N PHE A 52 -6.78 -0.14 -1.26
CA PHE A 52 -8.21 -0.08 -1.59
C PHE A 52 -8.73 -1.50 -1.87
N MET A 53 -7.98 -2.28 -2.62
CA MET A 53 -8.44 -3.64 -2.99
C MET A 53 -8.51 -4.54 -1.75
N TYR A 54 -7.55 -4.40 -0.83
CA TYR A 54 -7.50 -5.23 0.40
C TYR A 54 -8.75 -4.97 1.22
N SER A 55 -9.18 -3.71 1.28
CA SER A 55 -10.35 -3.31 2.11
C SER A 55 -11.65 -3.88 1.57
N ASP A 56 -11.72 -4.09 0.25
CA ASP A 56 -12.96 -4.62 -0.38
C ASP A 56 -13.01 -6.13 -0.16
N PHE A 57 -12.95 -6.57 1.10
CA PHE A 57 -13.07 -8.01 1.42
C PHE A 57 -14.04 -8.18 2.59
N HIS A 68 -18.49 -3.89 7.44
CA HIS A 68 -17.18 -3.62 6.77
C HIS A 68 -16.04 -4.08 7.69
N ARG A 69 -15.27 -5.07 7.25
CA ARG A 69 -14.18 -5.60 8.10
C ARG A 69 -12.99 -4.63 8.12
N PHE A 70 -12.88 -3.76 7.12
CA PHE A 70 -11.66 -2.90 7.07
C PHE A 70 -11.98 -1.41 6.99
N GLU A 71 -11.15 -0.61 7.63
CA GLU A 71 -11.28 0.86 7.52
C GLU A 71 -10.01 1.34 6.81
N ILE A 72 -10.13 2.26 5.85
CA ILE A 72 -8.94 2.64 5.03
C ILE A 72 -8.33 3.96 5.50
N ILE A 73 -7.27 3.88 6.30
CA ILE A 73 -6.56 5.11 6.76
C ILE A 73 -5.77 5.71 5.59
N GLU A 74 -5.22 4.87 4.73
CA GLU A 74 -4.34 5.36 3.63
C GLU A 74 -5.15 6.11 2.58
N GLY A 75 -4.58 7.20 2.04
CA GLY A 75 -5.27 8.01 1.02
C GLY A 75 -5.92 9.22 1.65
N ARG A 76 -6.34 9.10 2.90
CA ARG A 76 -6.98 10.23 3.61
C ARG A 76 -5.95 11.31 3.95
N ASP A 77 -6.39 12.56 4.04
CA ASP A 77 -5.48 13.65 4.49
C ASP A 77 -5.08 13.38 5.94
N ARG A 78 -3.98 13.98 6.39
CA ARG A 78 -3.49 13.67 7.76
C ARG A 78 -4.57 14.00 8.78
N ILE A 79 -5.30 15.10 8.60
CA ILE A 79 -6.31 15.50 9.62
C ILE A 79 -7.36 14.41 9.68
N MET A 80 -7.93 14.03 8.54
CA MET A 80 -8.99 13.01 8.51
C MET A 80 -8.43 11.67 8.99
N ALA A 81 -7.22 11.31 8.53
CA ALA A 81 -6.64 9.99 8.87
C ALA A 81 -6.45 9.84 10.38
N TRP A 82 -5.82 10.82 11.02
CA TRP A 82 -5.58 10.76 12.49
C TRP A 82 -6.90 10.79 13.24
N THR A 83 -7.88 11.53 12.74
CA THR A 83 -9.22 11.55 13.39
C THR A 83 -9.77 10.13 13.36
N VAL A 84 -9.72 9.46 12.21
CA VAL A 84 -10.29 8.10 12.11
C VAL A 84 -9.55 7.18 13.08
N VAL A 85 -8.22 7.25 13.09
CA VAL A 85 -7.39 6.42 14.02
C VAL A 85 -7.77 6.75 15.46
N ASN A 86 -7.83 8.04 15.81
CA ASN A 86 -8.17 8.45 17.19
C ASN A 86 -9.52 7.86 17.55
N SER A 87 -10.49 8.03 16.65
CA SER A 87 -11.84 7.48 16.92
C SER A 87 -11.70 6.00 17.21
N ILE A 88 -11.14 5.23 16.28
CA ILE A 88 -11.00 3.76 16.48
C ILE A 88 -10.34 3.52 17.84
N CYS A 89 -9.21 4.17 18.11
CA CYS A 89 -8.46 3.88 19.36
C CYS A 89 -9.31 4.15 20.59
N ASN A 90 -10.08 5.25 20.61
CA ASN A 90 -10.86 5.56 21.83
C ASN A 90 -11.92 4.47 22.02
N THR A 91 -12.63 4.10 20.95
CA THR A 91 -13.72 3.10 21.10
C THR A 91 -13.14 1.71 21.38
N THR A 92 -12.19 1.25 20.57
CA THR A 92 -11.67 -0.13 20.68
C THR A 92 -10.67 -0.30 21.82
N GLY A 93 -10.10 0.79 22.33
CA GLY A 93 -9.09 0.69 23.40
C GLY A 93 -7.74 0.27 22.83
N VAL A 94 -7.66 0.06 21.52
CA VAL A 94 -6.39 -0.32 20.86
C VAL A 94 -5.38 0.83 21.03
N GLU A 95 -4.13 0.48 21.33
CA GLU A 95 -3.08 1.51 21.56
C GLU A 95 -2.91 2.37 20.32
N LYS A 96 -2.73 3.68 20.52
CA LYS A 96 -2.57 4.63 19.40
C LYS A 96 -1.26 4.36 18.66
N PRO A 97 -1.24 4.06 17.33
CA PRO A 97 0.03 3.89 16.63
C PRO A 97 0.85 5.18 16.48
N LYS A 98 2.18 5.07 16.56
CA LYS A 98 3.05 6.25 16.41
C LYS A 98 3.07 6.69 14.94
N PHE A 99 2.94 5.74 14.01
CA PHE A 99 2.88 6.10 12.58
C PHE A 99 1.46 5.84 12.08
N LEU A 100 1.00 6.65 11.11
CA LEU A 100 -0.35 6.48 10.52
C LEU A 100 -0.41 5.17 9.76
N PRO A 101 -1.24 4.17 10.14
CA PRO A 101 -1.28 2.89 9.45
C PRO A 101 -2.16 2.90 8.20
N ASP A 102 -2.15 1.83 7.41
CA ASP A 102 -2.92 1.79 6.14
C ASP A 102 -4.38 1.38 6.34
N LEU A 103 -4.61 0.31 7.09
CA LEU A 103 -5.98 -0.22 7.25
C LEU A 103 -6.23 -0.62 8.70
N TYR A 104 -7.50 -0.81 9.08
CA TYR A 104 -7.82 -1.31 10.43
C TYR A 104 -8.79 -2.48 10.33
N ASP A 105 -8.37 -3.69 10.70
CA ASP A 105 -9.25 -4.88 10.67
C ASP A 105 -10.21 -4.80 11.84
N TYR A 106 -11.52 -4.80 11.60
CA TYR A 106 -12.51 -4.81 12.72
C TYR A 106 -12.74 -6.23 13.23
N LYS A 107 -12.63 -7.25 12.40
CA LYS A 107 -12.79 -8.64 12.88
C LYS A 107 -11.65 -8.97 13.84
N GLU A 108 -10.40 -8.84 13.36
CA GLU A 108 -9.21 -9.17 14.18
C GLU A 108 -8.84 -7.99 15.09
N ASN A 109 -9.57 -6.88 15.01
CA ASN A 109 -9.37 -5.73 15.94
C ASN A 109 -7.92 -5.27 15.98
N ARG A 110 -7.28 -5.08 14.82
CA ARG A 110 -5.89 -4.57 14.81
C ARG A 110 -5.58 -3.72 13.56
N PHE A 111 -4.69 -2.75 13.72
CA PHE A 111 -4.28 -1.90 12.57
C PHE A 111 -3.34 -2.71 11.66
N ILE A 112 -3.34 -2.42 10.36
CA ILE A 112 -2.53 -3.20 9.39
C ILE A 112 -1.67 -2.26 8.55
N GLU A 113 -0.41 -2.62 8.34
CA GLU A 113 0.49 -1.86 7.44
C GLU A 113 0.70 -2.73 6.21
N ILE A 114 0.47 -2.18 5.02
CA ILE A 114 0.57 -3.00 3.77
C ILE A 114 1.81 -2.57 3.00
N GLY A 115 2.74 -3.48 2.76
CA GLY A 115 3.94 -3.12 1.97
C GLY A 115 3.98 -3.77 0.61
N VAL A 116 4.40 -3.04 -0.42
CA VAL A 116 4.60 -3.63 -1.78
C VAL A 116 6.06 -3.41 -2.14
N THR A 117 6.79 -4.47 -2.50
CA THR A 117 8.24 -4.31 -2.73
C THR A 117 8.70 -4.98 -4.03
N ARG A 118 9.57 -4.31 -4.78
CA ARG A 118 10.18 -4.95 -5.98
C ARG A 118 11.27 -5.89 -5.47
N ARG A 119 11.81 -5.63 -4.28
CA ARG A 119 12.87 -6.48 -3.71
C ARG A 119 12.26 -7.73 -3.07
N GLU A 120 13.06 -8.48 -2.32
CA GLU A 120 12.52 -9.73 -1.75
C GLU A 120 11.63 -9.38 -0.55
N VAL A 121 10.61 -10.21 -0.31
CA VAL A 121 9.60 -9.91 0.75
C VAL A 121 10.26 -9.74 2.13
N HIS A 122 11.15 -10.64 2.53
CA HIS A 122 11.76 -10.59 3.88
C HIS A 122 12.54 -9.30 4.07
N ILE A 123 13.26 -8.83 3.06
CA ILE A 123 14.09 -7.60 3.23
C ILE A 123 13.16 -6.45 3.59
N TYR A 124 12.07 -6.30 2.85
CA TYR A 124 11.09 -5.22 3.10
C TYR A 124 10.36 -5.44 4.43
N TYR A 125 9.99 -6.68 4.75
CA TYR A 125 9.23 -6.95 5.99
C TYR A 125 10.01 -6.44 7.18
N LEU A 126 11.28 -6.82 7.28
CA LEU A 126 12.13 -6.43 8.44
C LEU A 126 12.35 -4.92 8.45
N GLU A 127 12.44 -4.30 7.27
CA GLU A 127 12.60 -2.83 7.18
C GLU A 127 11.37 -2.16 7.81
N LYS A 128 10.18 -2.65 7.46
CA LYS A 128 8.92 -2.05 7.97
C LYS A 128 8.78 -2.35 9.45
N ALA A 129 9.16 -3.54 9.88
CA ALA A 129 9.10 -3.89 11.32
C ALA A 129 9.97 -2.92 12.10
N ASN A 130 11.17 -2.64 11.60
CA ASN A 130 12.09 -1.71 12.30
C ASN A 130 11.42 -0.33 12.34
N LYS A 131 10.77 0.08 11.26
CA LYS A 131 10.17 1.44 11.21
C LYS A 131 9.04 1.52 12.24
N ILE A 132 8.21 0.49 12.33
CA ILE A 132 7.08 0.47 13.29
C ILE A 132 7.36 -0.61 14.33
N LYS A 133 8.24 -0.29 15.27
CA LYS A 133 8.62 -1.30 16.28
C LYS A 133 7.37 -1.65 17.10
N SER A 134 6.20 -1.07 16.76
CA SER A 134 4.92 -1.42 17.43
C SER A 134 4.42 -2.78 16.94
N GLU A 135 4.49 -3.79 17.81
CA GLU A 135 4.08 -5.16 17.41
C GLU A 135 2.56 -5.21 17.26
N LYS A 136 1.87 -4.20 17.81
CA LYS A 136 0.40 -4.14 17.73
C LYS A 136 0.02 -4.06 16.25
N THR A 137 0.74 -3.25 15.48
CA THR A 137 0.42 -3.06 14.04
C THR A 137 0.81 -4.29 13.22
N HIS A 138 -0.17 -4.95 12.59
CA HIS A 138 0.10 -6.13 11.73
C HIS A 138 0.76 -5.70 10.43
N ILE A 139 1.69 -6.50 9.90
CA ILE A 139 2.45 -6.11 8.69
C ILE A 139 2.19 -7.14 7.59
N HIS A 140 1.73 -6.69 6.43
CA HIS A 140 1.53 -7.60 5.27
C HIS A 140 2.32 -7.07 4.09
N ILE A 141 3.27 -7.87 3.60
CA ILE A 141 4.14 -7.44 2.46
C ILE A 141 3.75 -8.24 1.23
N PHE A 142 3.60 -7.57 0.10
CA PHE A 142 3.28 -8.25 -1.18
C PHE A 142 4.44 -8.02 -2.13
N SER A 143 4.63 -8.94 -3.06
CA SER A 143 5.68 -8.77 -4.09
C SER A 143 5.04 -8.86 -5.47
N PHE A 144 5.71 -8.31 -6.47
CA PHE A 144 5.22 -8.37 -7.86
C PHE A 144 5.45 -9.79 -8.38
N THR A 145 6.09 -10.64 -7.59
CA THR A 145 6.41 -12.02 -8.02
C THR A 145 5.45 -13.02 -7.38
N GLY A 146 4.35 -12.54 -6.80
CA GLY A 146 3.35 -13.44 -6.22
C GLY A 146 3.76 -13.99 -4.88
N GLU A 147 4.59 -13.27 -4.15
CA GLU A 147 5.08 -13.75 -2.84
C GLU A 147 4.62 -12.78 -1.76
N GLU A 148 4.23 -13.32 -0.61
CA GLU A 148 3.69 -12.44 0.46
C GLU A 148 4.25 -12.85 1.83
N MET A 149 4.56 -11.87 2.67
CA MET A 149 5.03 -12.17 4.05
C MET A 149 4.19 -11.35 5.03
N ALA A 150 3.67 -11.99 6.07
CA ALA A 150 2.82 -11.27 7.06
C ALA A 150 3.25 -11.57 8.49
N THR A 151 2.73 -10.78 9.44
CA THR A 151 3.09 -10.97 10.88
C THR A 151 2.51 -12.29 11.37
N LYS A 152 3.35 -13.13 12.00
CA LYS A 152 2.93 -14.45 12.56
C LYS A 152 2.26 -15.31 11.49
N ALA A 153 2.56 -15.05 10.22
CA ALA A 153 2.00 -15.85 9.10
C ALA A 153 0.48 -15.84 9.17
N ASP A 154 -0.10 -14.76 9.66
CA ASP A 154 -1.58 -14.61 9.61
C ASP A 154 -1.81 -13.75 8.38
N TYR A 155 -2.30 -14.33 7.29
CA TYR A 155 -2.41 -13.56 6.01
C TYR A 155 -3.71 -12.75 5.98
N THR A 156 -4.57 -12.84 7.01
CA THR A 156 -5.82 -12.03 7.14
C THR A 156 -6.85 -12.40 6.08
N LEU A 157 -6.59 -12.09 4.81
CA LEU A 157 -7.60 -12.29 3.74
C LEU A 157 -7.72 -13.74 3.29
N ASP A 158 -8.81 -14.05 2.59
CA ASP A 158 -8.98 -15.42 2.04
C ASP A 158 -8.03 -15.59 0.85
N GLU A 159 -7.77 -16.85 0.49
CA GLU A 159 -6.79 -17.13 -0.59
C GLU A 159 -7.18 -16.38 -1.86
N GLU A 160 -8.42 -16.54 -2.31
CA GLU A 160 -8.89 -15.91 -3.56
C GLU A 160 -8.63 -14.41 -3.47
N SER A 161 -9.20 -13.76 -2.48
CA SER A 161 -8.96 -12.30 -2.30
C SER A 161 -7.48 -12.01 -2.49
N ARG A 162 -6.60 -12.65 -1.71
CA ARG A 162 -5.13 -12.40 -1.75
C ARG A 162 -4.54 -12.66 -3.15
N ALA A 163 -5.01 -13.69 -3.83
CA ALA A 163 -4.53 -14.01 -5.18
C ALA A 163 -4.88 -12.88 -6.14
N ARG A 164 -6.03 -12.26 -5.95
CA ARG A 164 -6.47 -11.19 -6.88
C ARG A 164 -5.51 -10.00 -6.76
N ILE A 165 -5.09 -9.67 -5.55
CA ILE A 165 -4.13 -8.55 -5.33
C ILE A 165 -2.83 -8.91 -6.04
N LYS A 166 -2.34 -10.13 -5.87
CA LYS A 166 -1.04 -10.54 -6.46
C LYS A 166 -1.14 -10.55 -7.98
N THR A 167 -2.28 -10.95 -8.53
CA THR A 167 -2.47 -10.97 -10.01
C THR A 167 -2.32 -9.56 -10.55
N ARG A 168 -2.96 -8.58 -9.91
CA ARG A 168 -2.87 -7.18 -10.36
C ARG A 168 -1.41 -6.74 -10.29
N LEU A 169 -0.71 -7.08 -9.22
CA LEU A 169 0.69 -6.64 -9.04
C LEU A 169 1.56 -7.23 -10.16
N PHE A 170 1.38 -8.51 -10.47
CA PHE A 170 2.13 -9.14 -11.59
C PHE A 170 1.77 -8.45 -12.90
N THR A 171 0.48 -8.14 -13.09
CA THR A 171 0.02 -7.52 -14.36
C THR A 171 0.68 -6.15 -14.48
N ILE A 172 0.70 -5.38 -13.39
CA ILE A 172 1.37 -4.06 -13.40
C ILE A 172 2.81 -4.26 -13.85
N ARG A 173 3.53 -5.18 -13.22
CA ARG A 173 4.94 -5.45 -13.57
C ARG A 173 5.07 -5.75 -15.06
N GLN A 174 4.22 -6.64 -15.58
CA GLN A 174 4.36 -7.05 -17.00
C GLN A 174 3.96 -5.91 -17.92
N GLU A 175 3.00 -5.10 -17.52
CA GLU A 175 2.60 -3.92 -18.34
C GLU A 175 3.78 -2.98 -18.44
N MET A 176 4.47 -2.74 -17.33
CA MET A 176 5.66 -1.88 -17.34
C MET A 176 6.72 -2.51 -18.25
N ALA A 177 6.91 -3.82 -18.15
CA ALA A 177 7.97 -4.52 -18.91
C ALA A 177 7.66 -4.53 -20.41
N SER A 178 6.38 -4.66 -20.78
CA SER A 178 6.01 -4.59 -22.22
C SER A 178 6.44 -3.23 -22.75
N ARG A 179 6.26 -2.19 -21.92
CA ARG A 179 6.67 -0.80 -22.29
C ARG A 179 8.12 -0.53 -21.90
N SER A 180 8.87 -1.56 -21.48
CA SER A 180 10.31 -1.44 -21.13
C SER A 180 10.57 -0.52 -19.93
N LEU A 181 9.64 -0.44 -18.98
CA LEU A 181 9.79 0.48 -17.82
C LEU A 181 10.13 -0.30 -16.55
N TRP A 182 10.03 -1.63 -16.55
CA TRP A 182 10.21 -2.41 -15.30
C TRP A 182 11.64 -2.28 -14.75
N ASP A 183 12.64 -2.28 -15.62
CA ASP A 183 14.04 -2.26 -15.15
C ASP A 183 14.28 -1.01 -14.28
N SER A 184 13.83 0.15 -14.75
CA SER A 184 13.99 1.40 -13.96
C SER A 184 13.22 1.26 -12.65
N PHE A 185 11.98 0.76 -12.73
CA PHE A 185 11.12 0.67 -11.52
C PHE A 185 11.78 -0.21 -10.46
N ARG A 186 12.23 -1.41 -10.84
CA ARG A 186 12.77 -2.37 -9.83
C ARG A 186 14.02 -1.79 -9.16
N GLN A 187 14.80 -0.97 -9.85
CA GLN A 187 16.06 -0.45 -9.26
C GLN A 187 15.79 0.89 -8.56
N SER A 188 14.54 1.20 -8.26
CA SER A 188 14.17 2.46 -7.56
C SER A 188 13.36 2.16 -6.30
MN MN B . 1.89 0.90 3.36
MN MN C . 0.46 4.08 4.56
C02 IJM D . 2.43 6.02 3.85
C03 IJM D . 3.28 5.07 3.00
C05 IJM D . 5.11 4.62 1.25
C06 IJM D . 6.20 5.05 0.26
C07 IJM D . 7.39 5.57 0.74
C08 IJM D . 8.39 5.95 -0.14
C09 IJM D . 8.20 5.81 -1.50
C10 IJM D . 9.29 6.23 -2.48
C15 IJM D . 7.02 5.29 -1.99
C16 IJM D . 6.01 4.90 -1.12
C17 IJM D . 4.72 4.33 -1.71
C21 IJM D . 4.89 3.13 1.40
C22 IJM D . 3.06 3.57 3.14
C24 IJM D . 3.87 2.61 2.34
F18 IJM D . 4.65 2.99 -1.48
F19 IJM D . 3.62 4.94 -1.19
F20 IJM D . 4.72 4.52 -3.07
N04 IJM D . 4.31 5.59 2.05
N11 IJM D . 10.05 7.36 -2.45
N12 IJM D . 10.89 7.31 -3.50
N13 IJM D . 10.68 6.19 -4.17
N14 IJM D . 9.71 5.51 -3.57
O01 IJM D . 1.71 5.57 4.78
O23 IJM D . 2.10 3.07 4.02
O25 IJM D . 3.70 1.45 2.45
O26 IJM D . 2.46 7.26 3.62
H071 IJM D . 7.54 5.67 1.80
H081 IJM D . 9.32 6.36 0.24
H151 IJM D . 6.88 5.18 -3.06
H211 IJM D . 5.49 2.42 0.82
H041 IJM D . 4.46 6.57 1.96
H141 IJM D . 9.34 4.62 -3.85
#